data_3LF4
#
_entry.id   3LF4
#
_cell.length_a   107.368
_cell.length_b   42.344
_cell.length_c   84.964
_cell.angle_alpha   90.00
_cell.angle_beta   127.06
_cell.angle_gamma   90.00
#
_symmetry.space_group_name_H-M   'C 1 2 1'
#
loop_
_entity.id
_entity.type
_entity.pdbx_description
1 polymer 'Fluorescent Timer Precursor Blue102'
2 polymer 'Fluorescent Timer Precursor Blue102'
3 water water
#
loop_
_entity_poly.entity_id
_entity_poly.type
_entity_poly.pdbx_seq_one_letter_code
_entity_poly.pdbx_strand_id
1 'polypeptide(L)' EEDNMAIIKEFMRFKVHMEGSVNGHEFEIEGEGEGRPYEGTQTAKLKVTKGGPLPFAWDILSPQF(LEN) A
2 'polypeptide(L)'
;(0YG)SRAYVKHPADIPDYWKLSFPEGFKWERVMNFEDGGVVTVTQDSSLQDGEFIYKVKLRGTNFPSDGPVMQKKTMGW
EAISERMYPEDGALKGEIKQRLKLKDGGHYDAEVKTTYKAKKPVQLPGAYNVNIKLDITSHNEDYTIVEQYERAEGRHST
GGMDELYK
;
B
#
# COMPACT_ATOMS: atom_id res chain seq x y z
N ASN A 4 -19.18 0.82 -13.97
CA ASN A 4 -18.08 0.82 -13.00
C ASN A 4 -18.56 1.26 -11.61
N MET A 5 -19.42 2.29 -11.57
CA MET A 5 -20.07 2.67 -10.32
C MET A 5 -21.17 1.65 -10.00
N ALA A 6 -21.43 0.76 -10.96
CA ALA A 6 -22.25 -0.41 -10.72
C ALA A 6 -21.36 -1.51 -10.15
N ILE A 7 -20.31 -1.87 -10.88
CA ILE A 7 -19.49 -3.02 -10.49
C ILE A 7 -18.66 -2.79 -9.20
N ILE A 8 -18.43 -1.52 -8.84
N ILE A 8 -18.38 -1.53 -8.85
CA ILE A 8 -17.78 -1.19 -7.59
CA ILE A 8 -17.78 -1.25 -7.56
C ILE A 8 -18.82 -0.68 -6.59
C ILE A 8 -18.81 -0.69 -6.59
N LYS A 9 -19.24 -1.54 -5.67
CA LYS A 9 -20.29 -1.21 -4.74
C LYS A 9 -19.78 -0.31 -3.63
N GLU A 10 -20.71 0.30 -2.89
CA GLU A 10 -20.37 1.20 -1.77
C GLU A 10 -19.64 0.45 -0.68
N PHE A 11 -19.85 -0.86 -0.60
CA PHE A 11 -19.09 -1.75 0.31
C PHE A 11 -18.49 -2.86 -0.51
N MET A 12 -17.18 -3.05 -0.35
CA MET A 12 -16.51 -4.14 -1.05
C MET A 12 -15.56 -4.85 -0.11
N ARG A 13 -15.41 -6.15 -0.30
CA ARG A 13 -14.44 -6.96 0.41
C ARG A 13 -13.26 -7.33 -0.49
N PHE A 14 -12.14 -7.72 0.11
CA PHE A 14 -11.03 -8.21 -0.68
C PHE A 14 -10.25 -9.36 -0.02
N LYS A 15 -9.50 -10.07 -0.84
CA LYS A 15 -8.62 -11.12 -0.38
C LYS A 15 -7.22 -10.81 -0.89
N VAL A 16 -6.24 -11.03 -0.04
CA VAL A 16 -4.85 -10.79 -0.39
C VAL A 16 -3.95 -11.99 -0.07
N HIS A 17 -3.06 -12.30 -1.00
CA HIS A 17 -2.03 -13.27 -0.76
C HIS A 17 -0.66 -12.60 -0.96
N MET A 18 0.23 -12.66 0.02
CA MET A 18 1.61 -12.17 -0.19
C MET A 18 2.64 -13.29 -0.08
N GLU A 19 3.55 -13.33 -1.06
N GLU A 19 3.56 -13.36 -1.03
CA GLU A 19 4.76 -14.15 -1.07
CA GLU A 19 4.75 -14.17 -0.83
C GLU A 19 5.95 -13.17 -0.90
C GLU A 19 5.99 -13.29 -0.95
N GLY A 20 6.92 -13.46 -0.04
CA GLY A 20 8.05 -12.54 0.05
C GLY A 20 9.27 -13.04 0.79
N SER A 21 10.32 -12.22 0.84
CA SER A 21 11.48 -12.51 1.66
C SER A 21 12.08 -11.19 2.09
N VAL A 22 12.60 -11.14 3.32
CA VAL A 22 13.38 -10.01 3.77
C VAL A 22 14.72 -10.54 4.25
N ASN A 23 15.81 -9.92 3.79
CA ASN A 23 17.14 -10.42 4.09
C ASN A 23 17.25 -11.96 4.00
N GLY A 24 16.61 -12.56 3.01
CA GLY A 24 16.68 -14.00 2.81
C GLY A 24 15.62 -14.84 3.52
N HIS A 25 14.90 -14.25 4.46
CA HIS A 25 13.89 -14.98 5.24
C HIS A 25 12.60 -15.03 4.43
N GLU A 26 12.25 -16.21 3.92
CA GLU A 26 11.05 -16.38 3.13
C GLU A 26 9.85 -16.49 4.05
N PHE A 27 8.70 -16.04 3.55
CA PHE A 27 7.46 -16.03 4.35
C PHE A 27 6.25 -15.91 3.43
N GLU A 28 5.07 -16.25 3.94
CA GLU A 28 3.81 -16.04 3.21
C GLU A 28 2.79 -15.46 4.16
N ILE A 29 1.86 -14.71 3.59
CA ILE A 29 0.84 -14.02 4.36
C ILE A 29 -0.47 -14.14 3.59
N GLU A 30 -1.53 -14.48 4.31
CA GLU A 30 -2.85 -14.54 3.73
C GLU A 30 -3.70 -13.56 4.51
N GLY A 31 -4.58 -12.88 3.80
CA GLY A 31 -5.39 -11.88 4.44
C GLY A 31 -6.73 -11.67 3.78
N GLU A 32 -7.57 -10.89 4.46
N GLU A 32 -7.55 -10.86 4.42
CA GLU A 32 -8.89 -10.55 3.95
CA GLU A 32 -8.85 -10.50 3.89
C GLU A 32 -9.20 -9.17 4.51
C GLU A 32 -9.17 -9.16 4.49
N GLY A 33 -9.89 -8.34 3.74
CA GLY A 33 -10.27 -7.04 4.21
C GLY A 33 -11.61 -6.60 3.70
N GLU A 34 -11.97 -5.37 4.02
CA GLU A 34 -13.23 -4.81 3.56
C GLU A 34 -13.20 -3.31 3.71
N GLY A 35 -14.03 -2.62 2.96
CA GLY A 35 -14.15 -1.20 3.18
C GLY A 35 -15.16 -0.54 2.29
N ARG A 36 -15.11 0.79 2.21
CA ARG A 36 -16.07 1.58 1.47
C ARG A 36 -15.29 2.34 0.46
N PRO A 37 -15.15 1.79 -0.77
CA PRO A 37 -14.26 2.35 -1.79
C PRO A 37 -14.42 3.87 -2.00
N TYR A 38 -15.65 4.38 -2.05
CA TYR A 38 -15.89 5.80 -2.35
C TYR A 38 -15.69 6.71 -1.16
N GLU A 39 -15.70 6.14 0.02
CA GLU A 39 -15.40 6.95 1.18
C GLU A 39 -13.92 6.96 1.53
N GLY A 40 -13.16 6.07 0.90
CA GLY A 40 -11.73 6.03 1.15
C GLY A 40 -11.29 5.30 2.41
N THR A 41 -12.12 4.40 2.95
CA THR A 41 -11.73 3.75 4.20
C THR A 41 -11.78 2.23 4.08
N GLN A 42 -10.93 1.57 4.85
CA GLN A 42 -10.82 0.11 4.82
C GLN A 42 -10.09 -0.48 5.99
N THR A 43 -10.34 -1.77 6.22
CA THR A 43 -9.67 -2.55 7.25
C THR A 43 -9.18 -3.85 6.64
N ALA A 44 -8.15 -4.42 7.25
CA ALA A 44 -7.64 -5.73 6.85
C ALA A 44 -7.24 -6.55 8.06
N LYS A 45 -7.38 -7.88 7.94
CA LYS A 45 -6.78 -8.79 8.91
C LYS A 45 -5.84 -9.73 8.19
N LEU A 46 -4.57 -9.69 8.58
CA LEU A 46 -3.54 -10.50 7.93
C LEU A 46 -2.99 -11.57 8.87
N LYS A 47 -2.69 -12.74 8.31
CA LYS A 47 -2.04 -13.80 9.06
C LYS A 47 -0.83 -14.36 8.33
N VAL A 48 0.29 -14.45 9.03
CA VAL A 48 1.46 -15.13 8.49
C VAL A 48 1.21 -16.61 8.49
N THR A 49 1.40 -17.21 7.33
CA THR A 49 1.01 -18.60 7.15
C THR A 49 2.24 -19.49 6.97
N LYS A 50 3.32 -18.92 6.43
CA LYS A 50 4.62 -19.57 6.37
C LYS A 50 5.68 -18.56 6.75
N GLY A 51 6.76 -19.03 7.39
CA GLY A 51 7.89 -18.19 7.70
C GLY A 51 7.75 -17.41 8.99
N GLY A 52 6.67 -17.65 9.71
CA GLY A 52 6.45 -16.96 10.97
C GLY A 52 7.10 -17.67 12.15
N PRO A 53 7.39 -16.92 13.24
CA PRO A 53 7.21 -15.47 13.38
C PRO A 53 8.24 -14.73 12.54
N LEU A 54 7.99 -13.48 12.18
CA LEU A 54 8.90 -12.72 11.31
C LEU A 54 9.95 -11.95 12.10
N PRO A 55 11.20 -12.01 11.63
CA PRO A 55 12.35 -11.37 12.29
C PRO A 55 12.48 -9.87 12.01
N PHE A 56 11.51 -9.30 11.32
CA PHE A 56 11.59 -7.88 10.97
C PHE A 56 10.32 -7.09 11.29
N ALA A 57 10.45 -5.78 11.29
CA ALA A 57 9.35 -4.86 11.52
C ALA A 57 8.15 -5.11 10.57
N TRP A 58 6.96 -5.25 11.16
CA TRP A 58 5.73 -5.40 10.36
C TRP A 58 5.48 -4.15 9.52
N ASP A 59 6.02 -3.02 9.98
CA ASP A 59 5.82 -1.73 9.32
C ASP A 59 6.32 -1.66 7.85
N ILE A 60 7.22 -2.55 7.43
CA ILE A 60 7.67 -2.51 6.03
C ILE A 60 6.68 -3.26 5.13
N LEU A 61 5.79 -4.04 5.77
CA LEU A 61 4.78 -4.80 5.02
C LEU A 61 3.45 -4.07 4.93
N SER A 62 3.12 -3.29 5.96
CA SER A 62 1.80 -2.64 6.03
C SER A 62 1.33 -1.83 4.80
N PRO A 63 2.22 -0.99 4.19
CA PRO A 63 1.84 -0.25 2.97
C PRO A 63 1.58 -1.14 1.80
N GLN A 64 1.97 -2.42 1.86
CA GLN A 64 1.74 -3.28 0.69
C GLN A 64 0.34 -3.89 0.76
N PHE A 65 -0.27 -3.83 1.95
CA PHE A 65 -1.62 -4.34 2.14
C PHE A 65 -2.61 -3.19 2.14
N SER B 2 -4.06 -1.04 -1.21
CA SER B 2 -5.38 -1.51 -1.64
C SER B 2 -6.01 -0.29 -2.32
N ARG B 3 -5.56 -0.02 -3.55
N ARG B 3 -5.58 -0.01 -3.55
CA ARG B 3 -5.77 1.28 -4.19
CA ARG B 3 -5.79 1.30 -4.14
C ARG B 3 -7.19 1.51 -4.68
C ARG B 3 -7.21 1.53 -4.64
N ALA B 4 -8.02 0.48 -4.66
CA ALA B 4 -9.41 0.65 -5.10
C ALA B 4 -10.20 1.50 -4.10
N TYR B 5 -9.63 1.70 -2.92
CA TYR B 5 -10.37 2.37 -1.84
C TYR B 5 -9.85 3.77 -1.58
N VAL B 6 -9.55 4.54 -2.62
CA VAL B 6 -9.15 5.93 -2.43
C VAL B 6 -10.32 6.84 -2.80
N LYS B 7 -10.71 7.67 -1.85
CA LYS B 7 -11.74 8.69 -2.08
C LYS B 7 -11.26 9.76 -3.08
N HIS B 8 -11.99 9.98 -4.16
CA HIS B 8 -11.59 11.02 -5.11
C HIS B 8 -12.64 12.10 -5.27
N PRO B 9 -12.19 13.35 -5.46
CA PRO B 9 -13.10 14.42 -5.90
C PRO B 9 -13.72 14.04 -7.23
N ALA B 10 -14.87 14.61 -7.56
CA ALA B 10 -15.53 14.31 -8.83
C ALA B 10 -14.72 14.69 -10.06
N ASP B 11 -13.92 15.75 -9.96
CA ASP B 11 -13.21 16.23 -11.13
C ASP B 11 -11.80 15.65 -11.26
N ILE B 12 -11.48 14.67 -10.44
CA ILE B 12 -10.25 13.88 -10.67
C ILE B 12 -10.58 12.42 -10.95
N PRO B 13 -10.16 11.93 -12.11
CA PRO B 13 -10.45 10.56 -12.53
C PRO B 13 -9.80 9.59 -11.57
N ASP B 14 -10.61 8.65 -11.06
CA ASP B 14 -10.13 7.67 -10.10
C ASP B 14 -9.54 6.54 -10.89
N TYR B 15 -8.24 6.61 -11.16
CA TYR B 15 -7.60 5.67 -12.06
C TYR B 15 -7.81 4.22 -11.68
N TRP B 16 -7.65 3.93 -10.40
CA TRP B 16 -7.75 2.55 -9.92
C TRP B 16 -9.19 2.00 -10.08
N LYS B 17 -10.18 2.81 -9.73
CA LYS B 17 -11.57 2.29 -9.91
C LYS B 17 -11.93 2.11 -11.42
N LEU B 18 -11.47 3.04 -12.27
CA LEU B 18 -11.75 2.95 -13.70
C LEU B 18 -11.14 1.71 -14.36
N SER B 19 -10.06 1.18 -13.78
CA SER B 19 -9.38 0.01 -14.35
C SER B 19 -10.21 -1.29 -14.24
N PHE B 20 -11.18 -1.33 -13.36
CA PHE B 20 -11.96 -2.54 -13.14
C PHE B 20 -13.00 -2.75 -14.25
N PRO B 21 -13.40 -4.01 -14.49
CA PRO B 21 -13.13 -5.24 -13.71
C PRO B 21 -11.77 -5.86 -14.00
N GLU B 22 -11.12 -5.45 -15.08
CA GLU B 22 -9.84 -6.03 -15.44
C GLU B 22 -8.88 -5.76 -14.28
N GLY B 23 -8.79 -4.50 -13.89
CA GLY B 23 -7.94 -4.12 -12.75
C GLY B 23 -6.62 -3.53 -13.18
N PHE B 24 -5.62 -3.61 -12.29
CA PHE B 24 -4.35 -2.91 -12.53
C PHE B 24 -3.22 -3.69 -11.83
N LYS B 25 -1.98 -3.33 -12.13
CA LYS B 25 -0.79 -3.92 -11.50
C LYS B 25 0.02 -2.73 -10.98
N TRP B 26 0.89 -3.00 -10.02
CA TRP B 26 1.84 -1.97 -9.60
C TRP B 26 3.15 -2.54 -9.19
N GLU B 27 4.18 -1.70 -9.25
CA GLU B 27 5.49 -2.09 -8.83
C GLU B 27 6.04 -0.94 -8.02
N ARG B 28 6.64 -1.25 -6.86
CA ARG B 28 7.07 -0.22 -5.91
C ARG B 28 8.52 -0.42 -5.52
N VAL B 29 9.28 0.67 -5.39
CA VAL B 29 10.60 0.51 -4.83
C VAL B 29 10.71 1.42 -3.61
N MET B 30 11.22 0.89 -2.51
CA MET B 30 11.41 1.67 -1.27
C MET B 30 12.89 1.66 -0.95
N ASN B 31 13.48 2.84 -0.84
CA ASN B 31 14.89 3.02 -0.45
C ASN B 31 14.92 3.63 0.93
N PHE B 32 15.45 2.89 1.90
CA PHE B 32 15.53 3.35 3.28
C PHE B 32 16.90 3.95 3.52
N GLU B 33 16.98 4.88 4.46
CA GLU B 33 18.17 5.69 4.65
C GLU B 33 19.41 4.89 5.05
N ASP B 34 19.22 3.67 5.53
CA ASP B 34 20.37 2.86 5.93
C ASP B 34 20.82 1.82 4.88
N GLY B 35 20.35 1.96 3.64
CA GLY B 35 20.69 0.99 2.62
C GLY B 35 19.68 -0.15 2.40
N GLY B 36 18.67 -0.26 3.26
CA GLY B 36 17.62 -1.27 3.08
C GLY B 36 16.75 -0.95 1.86
N VAL B 37 16.42 -1.98 1.12
CA VAL B 37 15.60 -1.82 -0.09
C VAL B 37 14.42 -2.81 -0.06
N VAL B 38 13.22 -2.33 -0.42
CA VAL B 38 12.10 -3.20 -0.63
C VAL B 38 11.54 -2.98 -2.05
N THR B 39 11.41 -4.05 -2.81
CA THR B 39 10.76 -3.99 -4.12
C THR B 39 9.50 -4.88 -4.03
N VAL B 40 8.41 -4.40 -4.58
CA VAL B 40 7.13 -5.08 -4.38
C VAL B 40 6.43 -5.04 -5.70
N THR B 41 5.76 -6.14 -6.08
CA THR B 41 4.87 -6.03 -7.24
C THR B 41 3.50 -6.57 -6.83
N GLN B 42 2.47 -6.05 -7.47
CA GLN B 42 1.13 -6.49 -7.09
C GLN B 42 0.22 -6.56 -8.28
N ASP B 43 -0.75 -7.48 -8.24
CA ASP B 43 -1.75 -7.60 -9.30
C ASP B 43 -3.10 -7.45 -8.60
N SER B 44 -3.95 -6.56 -9.09
CA SER B 44 -5.27 -6.36 -8.48
C SER B 44 -6.36 -6.70 -9.51
N SER B 45 -7.32 -7.52 -9.12
CA SER B 45 -8.38 -7.84 -10.06
C SER B 45 -9.70 -7.92 -9.29
N LEU B 46 -10.79 -8.12 -10.00
CA LEU B 46 -12.10 -8.21 -9.38
C LEU B 46 -12.71 -9.53 -9.79
N GLN B 47 -12.88 -10.44 -8.85
CA GLN B 47 -13.54 -11.72 -9.19
C GLN B 47 -14.60 -12.14 -8.17
N ASP B 48 -15.74 -12.64 -8.67
CA ASP B 48 -16.77 -13.15 -7.77
C ASP B 48 -17.21 -12.02 -6.82
N GLY B 49 -17.31 -10.80 -7.37
CA GLY B 49 -17.69 -9.61 -6.62
C GLY B 49 -16.72 -9.09 -5.55
N GLU B 50 -15.52 -9.63 -5.45
CA GLU B 50 -14.55 -9.12 -4.47
C GLU B 50 -13.26 -8.78 -5.18
N PHE B 51 -12.46 -7.91 -4.56
CA PHE B 51 -11.13 -7.64 -5.12
C PHE B 51 -10.17 -8.77 -4.72
N ILE B 52 -9.29 -9.17 -5.65
CA ILE B 52 -8.31 -10.22 -5.36
C ILE B 52 -6.90 -9.61 -5.58
N TYR B 53 -6.06 -9.66 -4.56
CA TYR B 53 -4.71 -9.08 -4.63
C TYR B 53 -3.64 -10.16 -4.50
N LYS B 54 -2.69 -10.18 -5.42
N LYS B 54 -2.67 -10.15 -5.41
CA LYS B 54 -1.53 -11.03 -5.28
CA LYS B 54 -1.52 -11.05 -5.30
C LYS B 54 -0.33 -10.11 -5.12
C LYS B 54 -0.26 -10.20 -5.20
N VAL B 55 0.53 -10.39 -4.14
CA VAL B 55 1.70 -9.52 -3.92
C VAL B 55 2.97 -10.33 -3.81
N LYS B 56 4.06 -9.83 -4.42
CA LYS B 56 5.41 -10.37 -4.17
C LYS B 56 6.31 -9.28 -3.62
N LEU B 57 7.11 -9.62 -2.63
CA LEU B 57 7.89 -8.63 -1.92
C LEU B 57 9.32 -9.16 -1.74
N ARG B 58 10.32 -8.31 -2.02
CA ARG B 58 11.72 -8.70 -1.80
C ARG B 58 12.42 -7.59 -1.06
N GLY B 59 12.85 -7.87 0.17
CA GLY B 59 13.53 -6.87 0.97
C GLY B 59 14.94 -7.35 1.16
N THR B 60 15.90 -6.45 0.98
CA THR B 60 17.31 -6.84 0.97
C THR B 60 18.12 -5.75 1.63
N ASN B 61 19.28 -6.15 2.12
CA ASN B 61 20.32 -5.23 2.58
C ASN B 61 19.95 -4.42 3.83
N PHE B 62 18.94 -4.86 4.59
CA PHE B 62 18.70 -4.22 5.90
C PHE B 62 19.84 -4.59 6.88
N PRO B 63 20.47 -3.57 7.51
CA PRO B 63 21.55 -3.86 8.46
C PRO B 63 20.99 -4.81 9.50
N SER B 64 21.69 -5.92 9.76
CA SER B 64 21.22 -6.92 10.70
C SER B 64 21.11 -6.25 12.04
N ASP B 65 21.67 -5.05 12.16
N ASP B 65 21.65 -5.03 12.09
CA ASP B 65 21.62 -4.33 13.43
CA ASP B 65 21.77 -4.20 13.27
C ASP B 65 20.74 -3.07 13.38
C ASP B 65 20.69 -3.14 13.40
N GLY B 66 19.94 -2.90 12.32
CA GLY B 66 19.10 -1.70 12.23
C GLY B 66 17.64 -1.89 12.71
N PRO B 67 16.82 -0.83 12.62
CA PRO B 67 15.50 -0.82 13.26
C PRO B 67 14.50 -1.79 12.66
N VAL B 68 14.76 -2.23 11.43
CA VAL B 68 13.81 -3.11 10.78
C VAL B 68 14.04 -4.54 11.20
N MET B 69 15.31 -4.95 11.21
CA MET B 69 15.65 -6.34 11.52
C MET B 69 15.51 -6.62 13.01
N GLN B 70 15.57 -5.55 13.78
CA GLN B 70 15.55 -5.70 15.23
C GLN B 70 14.16 -5.38 15.74
N LYS B 71 13.22 -5.23 14.82
CA LYS B 71 11.82 -4.91 15.16
C LYS B 71 11.72 -3.67 16.02
N LYS B 72 12.38 -2.60 15.62
CA LYS B 72 12.39 -1.37 16.43
C LYS B 72 11.57 -0.18 15.90
N THR B 73 10.67 -0.42 14.95
CA THR B 73 9.84 0.64 14.38
C THR B 73 8.49 0.74 15.12
N MET B 74 7.85 1.90 15.03
CA MET B 74 6.55 2.19 15.64
C MET B 74 5.53 2.87 14.72
N GLY B 75 5.35 2.38 13.50
CA GLY B 75 4.29 2.90 12.67
C GLY B 75 4.61 4.05 11.74
N TRP B 76 3.77 4.22 10.72
CA TRP B 76 3.95 5.26 9.73
C TRP B 76 3.24 6.53 10.11
N GLU B 77 3.94 7.65 9.96
N GLU B 77 3.93 7.64 9.94
CA GLU B 77 3.32 8.96 10.08
CA GLU B 77 3.31 8.95 10.04
C GLU B 77 2.39 9.20 8.89
C GLU B 77 2.25 9.09 8.95
N ALA B 78 1.54 10.21 8.95
CA ALA B 78 0.66 10.57 7.85
C ALA B 78 1.49 10.70 6.58
N ILE B 79 0.94 10.19 5.48
CA ILE B 79 1.63 10.07 4.21
C ILE B 79 0.96 10.93 3.18
N SER B 80 1.80 11.61 2.37
CA SER B 80 1.33 12.35 1.25
C SER B 80 2.08 11.79 0.04
N GLU B 81 1.31 11.21 -0.87
CA GLU B 81 1.84 10.59 -2.07
C GLU B 81 1.55 11.54 -3.23
N ARG B 82 2.61 12.03 -3.87
N ARG B 82 2.61 12.04 -3.86
CA ARG B 82 2.44 12.95 -4.97
CA ARG B 82 2.46 12.97 -4.96
C ARG B 82 2.32 12.15 -6.25
C ARG B 82 2.32 12.17 -6.25
N MET B 83 1.17 12.31 -6.90
CA MET B 83 0.81 11.51 -8.10
C MET B 83 1.12 12.29 -9.35
N TYR B 84 1.57 11.63 -10.42
CA TYR B 84 1.68 12.28 -11.73
C TYR B 84 1.71 11.20 -12.82
N PRO B 85 1.14 11.52 -14.00
CA PRO B 85 1.17 10.60 -15.13
C PRO B 85 2.53 10.59 -15.81
N GLU B 86 2.92 9.44 -16.33
CA GLU B 86 4.18 9.31 -17.04
C GLU B 86 4.28 8.01 -17.83
N ASP B 87 4.60 8.14 -19.11
CA ASP B 87 4.89 6.98 -19.93
C ASP B 87 3.72 5.99 -19.94
N GLY B 88 2.50 6.51 -19.89
CA GLY B 88 1.32 5.70 -20.05
C GLY B 88 0.79 5.10 -18.75
N ALA B 89 1.41 5.49 -17.64
CA ALA B 89 1.12 4.93 -16.34
C ALA B 89 0.97 6.06 -15.31
N LEU B 90 0.48 5.71 -14.11
CA LEU B 90 0.31 6.68 -13.01
C LEU B 90 1.42 6.40 -12.01
N LYS B 91 2.25 7.42 -11.68
CA LYS B 91 3.32 7.21 -10.71
C LYS B 91 3.01 7.94 -9.42
N GLY B 92 3.54 7.42 -8.31
CA GLY B 92 3.37 8.03 -6.99
C GLY B 92 4.73 8.10 -6.34
N GLU B 93 5.06 9.25 -5.74
N GLU B 93 5.03 9.25 -5.72
CA GLU B 93 6.31 9.35 -5.00
CA GLU B 93 6.29 9.45 -5.01
C GLU B 93 6.02 9.88 -3.60
C GLU B 93 5.99 9.88 -3.58
N ILE B 94 6.70 9.27 -2.63
CA ILE B 94 6.53 9.56 -1.21
C ILE B 94 7.91 9.71 -0.57
N LYS B 95 8.03 10.67 0.36
CA LYS B 95 9.16 10.78 1.26
C LYS B 95 8.53 10.66 2.63
N GLN B 96 8.86 9.60 3.37
CA GLN B 96 8.04 9.18 4.53
C GLN B 96 8.80 8.40 5.61
N ARG B 97 8.39 8.56 6.87
CA ARG B 97 9.17 7.98 7.95
C ARG B 97 8.43 6.94 8.78
N LEU B 98 9.23 6.06 9.38
CA LEU B 98 8.74 5.04 10.29
C LEU B 98 9.11 5.54 11.66
N LYS B 99 8.20 5.45 12.61
CA LYS B 99 8.54 5.87 13.97
C LYS B 99 9.40 4.82 14.62
N LEU B 100 10.33 5.24 15.46
CA LEU B 100 11.27 4.32 16.10
C LEU B 100 11.03 4.28 17.62
N LYS B 101 11.22 3.12 18.23
CA LYS B 101 11.06 3.03 19.68
C LYS B 101 11.98 3.99 20.48
N ASP B 102 13.10 4.44 19.89
CA ASP B 102 14.07 5.29 20.61
C ASP B 102 13.84 6.80 20.54
N GLY B 103 12.64 7.21 20.17
CA GLY B 103 12.40 8.63 20.01
C GLY B 103 13.20 9.04 18.81
N GLY B 104 12.69 8.63 17.67
CA GLY B 104 13.41 8.84 16.44
C GLY B 104 12.59 8.39 15.25
N HIS B 105 13.23 8.59 14.10
CA HIS B 105 12.66 8.45 12.78
C HIS B 105 13.66 7.76 11.83
N TYR B 106 13.10 7.07 10.84
CA TYR B 106 13.82 6.25 9.87
C TYR B 106 13.11 6.47 8.54
N ASP B 107 13.79 7.18 7.66
CA ASP B 107 13.21 7.73 6.44
C ASP B 107 13.33 6.82 5.24
N ALA B 108 12.36 6.97 4.34
CA ALA B 108 12.24 6.14 3.16
C ALA B 108 11.87 7.05 2.01
N GLU B 109 12.38 6.73 0.83
CA GLU B 109 11.87 7.34 -0.38
C GLU B 109 11.18 6.19 -1.11
N VAL B 110 9.98 6.44 -1.62
CA VAL B 110 9.21 5.40 -2.28
C VAL B 110 8.71 5.93 -3.63
N LYS B 111 8.84 5.10 -4.66
CA LYS B 111 8.20 5.39 -5.92
C LYS B 111 7.42 4.17 -6.42
N THR B 112 6.18 4.40 -6.88
CA THR B 112 5.32 3.29 -7.32
C THR B 112 4.81 3.64 -8.72
N THR B 113 4.72 2.61 -9.55
CA THR B 113 4.10 2.75 -10.87
C THR B 113 2.85 1.88 -10.89
N TYR B 114 1.71 2.48 -11.22
CA TYR B 114 0.41 1.81 -11.23
C TYR B 114 0.04 1.77 -12.71
N LYS B 115 -0.33 0.60 -13.22
N LYS B 115 -0.28 0.61 -13.24
CA LYS B 115 -0.65 0.45 -14.65
CA LYS B 115 -0.71 0.53 -14.63
C LYS B 115 -1.92 -0.37 -14.86
C LYS B 115 -1.97 -0.30 -14.72
N ALA B 116 -2.97 0.27 -15.38
CA ALA B 116 -4.22 -0.43 -15.66
C ALA B 116 -4.01 -1.43 -16.78
N LYS B 117 -4.78 -2.52 -16.73
CA LYS B 117 -4.66 -3.61 -17.69
C LYS B 117 -5.37 -3.27 -19.01
N LYS B 118 -6.22 -2.25 -18.98
CA LYS B 118 -6.82 -1.70 -20.18
C LYS B 118 -6.58 -0.19 -20.18
N PRO B 119 -6.80 0.48 -21.33
CA PRO B 119 -6.67 1.94 -21.41
C PRO B 119 -7.67 2.63 -20.49
N VAL B 120 -7.16 3.51 -19.63
CA VAL B 120 -7.97 4.24 -18.67
C VAL B 120 -7.47 5.69 -18.73
N GLN B 121 -8.37 6.66 -18.54
CA GLN B 121 -7.94 8.06 -18.56
C GLN B 121 -6.97 8.32 -17.39
N LEU B 122 -5.83 8.94 -17.65
CA LEU B 122 -4.92 9.29 -16.54
C LEU B 122 -5.27 10.64 -15.96
N PRO B 123 -5.15 10.78 -14.64
CA PRO B 123 -5.32 12.11 -14.05
C PRO B 123 -4.05 12.97 -14.27
N GLY B 124 -4.11 14.25 -13.94
CA GLY B 124 -2.92 15.14 -13.94
C GLY B 124 -2.28 14.96 -12.58
N ALA B 125 -1.43 15.88 -12.17
CA ALA B 125 -0.78 15.79 -10.84
C ALA B 125 -1.75 16.14 -9.70
N TYR B 126 -1.68 15.38 -8.61
CA TYR B 126 -2.54 15.64 -7.46
C TYR B 126 -1.94 14.82 -6.35
N ASN B 127 -2.46 14.96 -5.14
CA ASN B 127 -1.90 14.21 -4.02
C ASN B 127 -2.88 13.20 -3.46
N VAL B 128 -2.35 12.07 -2.99
CA VAL B 128 -3.17 11.15 -2.18
C VAL B 128 -2.66 11.20 -0.75
N ASN B 129 -3.55 11.61 0.16
CA ASN B 129 -3.22 11.63 1.58
C ASN B 129 -3.68 10.36 2.27
N ILE B 130 -2.76 9.71 2.97
CA ILE B 130 -2.97 8.38 3.52
C ILE B 130 -2.69 8.33 5.02
N LYS B 131 -3.60 7.74 5.79
CA LYS B 131 -3.33 7.40 7.18
C LYS B 131 -3.37 5.88 7.29
N LEU B 132 -2.29 5.30 7.76
CA LEU B 132 -2.18 3.84 7.86
C LEU B 132 -1.91 3.46 9.33
N ASP B 133 -2.80 2.68 9.94
CA ASP B 133 -2.69 2.34 11.37
C ASP B 133 -2.72 0.84 11.61
N ILE B 134 -1.84 0.35 12.50
CA ILE B 134 -2.00 -1.01 12.99
C ILE B 134 -2.99 -0.92 14.15
N THR B 135 -4.17 -1.52 14.00
CA THR B 135 -5.22 -1.36 15.00
C THR B 135 -5.10 -2.39 16.14
N SER B 136 -4.62 -3.60 15.84
CA SER B 136 -4.28 -4.57 16.88
C SER B 136 -3.41 -5.70 16.32
N HIS B 137 -2.70 -6.42 17.20
CA HIS B 137 -1.92 -7.57 16.78
C HIS B 137 -1.68 -8.53 17.94
N ASN B 138 -1.47 -9.82 17.65
CA ASN B 138 -0.92 -10.70 18.68
C ASN B 138 0.53 -10.39 18.99
N GLU B 139 1.04 -10.99 20.06
CA GLU B 139 2.38 -10.70 20.54
C GLU B 139 3.47 -10.73 19.46
N ASP B 140 3.40 -11.71 18.57
CA ASP B 140 4.46 -11.91 17.58
C ASP B 140 4.10 -11.50 16.14
N TYR B 141 3.00 -10.77 15.98
CA TYR B 141 2.57 -10.26 14.66
C TYR B 141 2.40 -11.34 13.59
N THR B 142 1.92 -12.52 14.00
CA THR B 142 1.52 -13.51 13.02
C THR B 142 0.03 -13.29 12.72
N ILE B 143 -0.58 -12.40 13.49
CA ILE B 143 -1.93 -11.91 13.23
C ILE B 143 -1.97 -10.44 13.55
N VAL B 144 -2.40 -9.64 12.56
CA VAL B 144 -2.35 -8.19 12.63
C VAL B 144 -3.55 -7.58 11.92
N GLU B 145 -4.09 -6.51 12.47
CA GLU B 145 -5.19 -5.79 11.82
C GLU B 145 -4.82 -4.35 11.56
N GLN B 146 -5.19 -3.88 10.38
CA GLN B 146 -4.80 -2.58 9.90
C GLN B 146 -6.03 -1.80 9.51
N TYR B 147 -5.90 -0.49 9.60
CA TYR B 147 -6.91 0.45 9.12
C TYR B 147 -6.25 1.43 8.20
N GLU B 148 -6.86 1.73 7.06
CA GLU B 148 -6.29 2.80 6.23
C GLU B 148 -7.39 3.73 5.74
N ARG B 149 -7.10 5.04 5.75
CA ARG B 149 -7.94 6.06 5.15
C ARG B 149 -7.14 6.80 4.07
N ALA B 150 -7.69 6.90 2.87
CA ALA B 150 -6.95 7.53 1.75
C ALA B 150 -7.87 8.41 0.94
N GLU B 151 -7.37 9.61 0.65
CA GLU B 151 -8.16 10.61 -0.05
C GLU B 151 -7.31 11.48 -0.99
N GLY B 152 -7.70 11.51 -2.24
CA GLY B 152 -7.06 12.37 -3.23
C GLY B 152 -7.50 13.82 -3.01
N ARG B 153 -6.55 14.72 -3.19
CA ARG B 153 -6.79 16.15 -3.09
C ARG B 153 -6.04 16.84 -4.22
N HIS B 154 -6.59 17.92 -4.76
CA HIS B 154 -5.96 18.64 -5.86
C HIS B 154 -4.70 19.25 -5.27
N SER B 155 -3.66 19.40 -6.08
CA SER B 155 -2.44 20.06 -5.60
C SER B 155 -2.21 21.41 -6.25
N THR B 156 -3.01 21.70 -7.30
CA THR B 156 -3.06 22.96 -7.99
C THR B 156 -4.53 23.35 -8.10
N GLY B 157 -4.79 24.60 -8.46
CA GLY B 157 -6.16 24.94 -8.77
C GLY B 157 -6.78 25.93 -7.82
N GLY B 158 -6.00 26.34 -6.82
CA GLY B 158 -6.45 27.26 -5.79
C GLY B 158 -7.67 26.88 -4.94
N MET B 159 -8.35 27.91 -4.43
N MET B 159 -8.34 27.90 -4.42
CA MET B 159 -9.56 27.73 -3.63
CA MET B 159 -9.55 27.70 -3.63
C MET B 159 -10.74 27.29 -4.49
C MET B 159 -10.67 27.14 -4.50
N ASP B 160 -10.57 27.36 -5.81
CA ASP B 160 -11.56 26.81 -6.75
C ASP B 160 -11.74 25.31 -6.49
#